data_5JE5
#
_entry.id   5JE5
#
_cell.length_a   45.539
_cell.length_b   45.539
_cell.length_c   96.225
_cell.angle_alpha   90.00
_cell.angle_beta   90.00
_cell.angle_gamma   120.00
#
_symmetry.space_group_name_H-M   'P 32'
#
loop_
_entity.id
_entity.type
_entity.pdbx_description
1 polymer 'Methyl transferase'
2 non-polymer S-ADENOSYL-L-HOMOCYSTEINE
3 non-polymer 6-methylpyrimido[5,4-e][1,2,4]triazine-5,7(6H,8H)-dione
4 water water
#
_entity_poly.entity_id   1
_entity_poly.type   'polypeptide(L)'
_entity_poly.pdbx_seq_one_letter_code
;GHMSTTARYDSIGGLFEDFTQSAAQRAIEVRTIFHMIGDVSGKSVLDLACGFGFFGREIYRRGAAKVVGVDISEKMIELA
REESRKYGDPLEFHVRDVANMEPLGQFDLVNAAWLFNYADSVENLRKMFKVVRASLKPDGKLVAYTVDPDFSLAKGNFAK
YGVNVLNERAWGPGYRHDAEFVTDPPSQFSFYRWSRADYESAIADAGFSHFEWQKPLLEADDIATHPPGFWDVFQNNCLQ
TGLVCKP
;
_entity_poly.pdbx_strand_id   A
#
# COMPACT_ATOMS: atom_id res chain seq x y z
N THR A 5 -5.85 -12.67 15.78
CA THR A 5 -5.53 -11.62 14.82
C THR A 5 -6.69 -10.64 14.65
N THR A 6 -6.39 -9.36 14.81
CA THR A 6 -7.38 -8.32 14.76
C THR A 6 -7.13 -7.45 13.55
N ALA A 7 -8.11 -6.63 13.21
CA ALA A 7 -7.97 -5.81 12.01
C ALA A 7 -8.58 -4.44 12.26
N ARG A 8 -7.75 -3.40 12.25
N ARG A 8 -7.76 -3.40 12.23
CA ARG A 8 -8.27 -2.04 12.36
CA ARG A 8 -8.28 -2.04 12.37
C ARG A 8 -9.32 -1.74 11.28
C ARG A 8 -9.31 -1.71 11.27
N TYR A 9 -9.09 -2.21 10.06
CA TYR A 9 -9.96 -1.81 8.97
C TYR A 9 -11.34 -2.46 9.06
N ASP A 10 -11.54 -3.41 9.99
CA ASP A 10 -12.92 -3.84 10.26
C ASP A 10 -13.82 -2.68 10.69
N SER A 11 -13.24 -1.62 11.23
CA SER A 11 -14.00 -0.45 11.69
C SER A 11 -13.97 0.71 10.71
N ILE A 12 -13.26 0.55 9.60
CA ILE A 12 -13.11 1.57 8.58
C ILE A 12 -14.04 1.22 7.42
N GLY A 13 -13.85 0.02 6.84
CA GLY A 13 -14.80 -0.47 5.85
C GLY A 13 -14.96 0.47 4.68
N GLY A 14 -16.22 0.83 4.41
CA GLY A 14 -16.54 1.66 3.25
C GLY A 14 -15.99 3.08 3.31
N LEU A 15 -15.63 3.55 4.52
CA LEU A 15 -14.96 4.85 4.61
C LEU A 15 -13.63 4.86 3.88
N PHE A 16 -12.99 3.71 3.70
CA PHE A 16 -11.73 3.75 2.98
C PHE A 16 -11.96 4.11 1.52
N GLU A 17 -13.01 3.56 0.91
CA GLU A 17 -13.32 3.92 -0.47
C GLU A 17 -13.69 5.40 -0.57
N ASP A 18 -14.40 5.94 0.43
CA ASP A 18 -14.68 7.37 0.41
C ASP A 18 -13.38 8.16 0.38
N PHE A 19 -12.42 7.75 1.21
CA PHE A 19 -11.12 8.41 1.24
C PHE A 19 -10.44 8.34 -0.12
N THR A 20 -10.49 7.17 -0.77
CA THR A 20 -9.77 7.09 -2.05
C THR A 20 -10.36 8.01 -3.09
N GLN A 21 -11.65 8.37 -2.98
N GLN A 21 -11.64 8.39 -2.95
CA GLN A 21 -12.23 9.27 -3.97
CA GLN A 21 -12.29 9.23 -3.93
C GLN A 21 -11.91 10.74 -3.66
C GLN A 21 -12.27 10.71 -3.57
N SER A 22 -11.77 11.07 -2.38
CA SER A 22 -11.65 12.48 -2.02
C SER A 22 -10.22 12.94 -1.82
N ALA A 23 -9.29 12.04 -1.52
CA ALA A 23 -7.97 12.45 -1.09
C ALA A 23 -7.13 12.87 -2.28
N ALA A 24 -6.56 14.07 -2.19
CA ALA A 24 -5.74 14.58 -3.28
C ALA A 24 -4.59 13.66 -3.61
N GLN A 25 -4.02 12.99 -2.59
CA GLN A 25 -2.83 12.19 -2.85
C GLN A 25 -3.13 10.88 -3.60
N ARG A 26 -4.40 10.42 -3.62
CA ARG A 26 -4.65 9.09 -4.18
C ARG A 26 -4.33 9.02 -5.67
N ALA A 27 -4.68 10.04 -6.45
CA ALA A 27 -4.39 9.99 -7.89
C ALA A 27 -2.90 9.84 -8.14
N ILE A 28 -2.08 10.45 -7.29
CA ILE A 28 -0.62 10.40 -7.45
C ILE A 28 -0.12 9.00 -7.16
N GLU A 29 -0.63 8.37 -6.10
N GLU A 29 -0.61 8.39 -6.07
CA GLU A 29 -0.12 7.04 -5.79
CA GLU A 29 -0.21 7.03 -5.74
C GLU A 29 -0.61 6.01 -6.81
C GLU A 29 -0.58 6.06 -6.86
N VAL A 30 -1.83 6.14 -7.32
CA VAL A 30 -2.31 5.21 -8.35
C VAL A 30 -1.45 5.33 -9.61
N ARG A 31 -1.17 6.56 -10.04
CA ARG A 31 -0.33 6.75 -11.21
C ARG A 31 1.05 6.19 -11.00
N THR A 32 1.63 6.42 -9.81
CA THR A 32 2.99 5.97 -9.56
C THR A 32 3.04 4.45 -9.53
N ILE A 33 2.02 3.82 -8.92
CA ILE A 33 2.01 2.37 -8.82
C ILE A 33 1.86 1.75 -10.21
N PHE A 34 0.93 2.25 -11.03
CA PHE A 34 0.83 1.65 -12.35
C PHE A 34 2.03 1.95 -13.22
N HIS A 35 2.75 3.06 -12.95
CA HIS A 35 4.02 3.30 -13.64
C HIS A 35 5.02 2.20 -13.33
N MET A 36 5.07 1.78 -12.06
CA MET A 36 6.01 0.73 -11.66
C MET A 36 5.57 -0.63 -12.21
N ILE A 37 4.27 -0.88 -12.24
CA ILE A 37 3.77 -2.20 -12.66
C ILE A 37 4.02 -2.45 -14.14
N GLY A 38 3.57 -1.53 -15.01
CA GLY A 38 3.67 -1.76 -16.46
C GLY A 38 2.60 -2.68 -16.99
N ASP A 39 2.89 -3.32 -18.13
CA ASP A 39 1.94 -4.22 -18.78
C ASP A 39 1.68 -5.44 -17.90
N VAL A 40 0.40 -5.78 -17.70
CA VAL A 40 0.04 -6.99 -16.95
C VAL A 40 -0.62 -8.04 -17.81
N SER A 41 -0.72 -7.85 -19.13
CA SER A 41 -1.41 -8.82 -19.97
C SER A 41 -0.88 -10.24 -19.73
N GLY A 42 -1.79 -11.14 -19.38
CA GLY A 42 -1.46 -12.55 -19.22
C GLY A 42 -0.80 -12.94 -17.91
N LYS A 43 -0.50 -11.99 -17.02
CA LYS A 43 0.29 -12.29 -15.85
C LYS A 43 -0.58 -12.76 -14.70
N SER A 44 -0.01 -13.60 -13.86
CA SER A 44 -0.65 -13.94 -12.60
C SER A 44 -0.23 -12.93 -11.54
N VAL A 45 -1.17 -12.49 -10.72
CA VAL A 45 -0.96 -11.35 -9.85
C VAL A 45 -1.48 -11.66 -8.45
N LEU A 46 -0.66 -11.35 -7.45
CA LEU A 46 -1.05 -11.45 -6.05
C LEU A 46 -1.08 -10.03 -5.47
N ASP A 47 -2.24 -9.60 -5.00
CA ASP A 47 -2.44 -8.22 -4.51
C ASP A 47 -2.56 -8.31 -2.99
N LEU A 48 -1.49 -7.91 -2.30
CA LEU A 48 -1.39 -8.04 -0.84
C LEU A 48 -1.85 -6.75 -0.15
N ALA A 49 -2.46 -6.91 1.04
CA ALA A 49 -3.16 -5.81 1.71
C ALA A 49 -4.16 -5.15 0.74
N CYS A 50 -4.99 -6.00 0.12
CA CYS A 50 -5.72 -5.57 -1.06
C CYS A 50 -6.88 -4.63 -0.76
N GLY A 51 -7.32 -4.53 0.51
CA GLY A 51 -8.46 -3.66 0.78
C GLY A 51 -9.73 -4.16 0.13
N PHE A 52 -10.50 -3.24 -0.48
CA PHE A 52 -11.66 -3.68 -1.29
C PHE A 52 -11.25 -4.16 -2.68
N GLY A 53 -9.94 -4.28 -2.91
CA GLY A 53 -9.42 -4.94 -4.09
C GLY A 53 -9.04 -4.02 -5.23
N PHE A 54 -8.89 -2.71 -4.97
CA PHE A 54 -8.75 -1.73 -6.05
C PHE A 54 -7.64 -2.14 -7.02
N PHE A 55 -6.43 -2.35 -6.52
CA PHE A 55 -5.32 -2.55 -7.46
C PHE A 55 -5.46 -3.86 -8.22
N GLY A 56 -5.74 -4.96 -7.52
CA GLY A 56 -5.93 -6.23 -8.21
C GLY A 56 -7.04 -6.16 -9.25
N ARG A 57 -8.12 -5.45 -8.92
CA ARG A 57 -9.25 -5.37 -9.86
C ARG A 57 -8.90 -4.56 -11.10
N GLU A 58 -8.23 -3.42 -10.91
N GLU A 58 -8.22 -3.43 -10.92
CA GLU A 58 -7.75 -2.64 -12.05
CA GLU A 58 -7.78 -2.65 -12.07
C GLU A 58 -6.73 -3.41 -12.86
C GLU A 58 -6.70 -3.37 -12.86
N ILE A 59 -5.89 -4.20 -12.19
CA ILE A 59 -4.92 -5.04 -12.88
C ILE A 59 -5.64 -6.10 -13.73
N TYR A 60 -6.71 -6.70 -13.21
CA TYR A 60 -7.52 -7.60 -14.03
C TYR A 60 -8.12 -6.88 -15.24
N ARG A 61 -8.61 -5.65 -15.04
CA ARG A 61 -9.21 -4.94 -16.16
C ARG A 61 -8.18 -4.58 -17.22
N ARG A 62 -6.91 -4.47 -16.83
CA ARG A 62 -5.85 -4.16 -17.77
C ARG A 62 -5.22 -5.41 -18.37
N GLY A 63 -5.75 -6.58 -18.08
CA GLY A 63 -5.38 -7.74 -18.87
C GLY A 63 -4.83 -8.94 -18.13
N ALA A 64 -4.77 -8.88 -16.80
CA ALA A 64 -4.16 -9.97 -16.03
C ALA A 64 -4.97 -11.26 -16.19
N ALA A 65 -4.28 -12.39 -16.01
CA ALA A 65 -4.91 -13.68 -16.23
C ALA A 65 -5.56 -14.27 -14.98
N LYS A 66 -4.88 -14.17 -13.85
CA LYS A 66 -5.35 -14.69 -12.58
C LYS A 66 -4.95 -13.66 -11.54
N VAL A 67 -5.89 -13.27 -10.68
CA VAL A 67 -5.64 -12.28 -9.64
C VAL A 67 -6.22 -12.76 -8.34
N VAL A 68 -5.38 -12.79 -7.30
CA VAL A 68 -5.73 -13.21 -5.96
C VAL A 68 -5.42 -12.03 -5.05
N GLY A 69 -6.37 -11.69 -4.18
CA GLY A 69 -6.15 -10.64 -3.19
C GLY A 69 -6.14 -11.21 -1.78
N VAL A 70 -5.29 -10.63 -0.92
CA VAL A 70 -5.16 -11.06 0.48
C VAL A 70 -5.25 -9.82 1.36
N ASP A 71 -6.06 -9.88 2.42
CA ASP A 71 -6.12 -8.81 3.40
C ASP A 71 -6.38 -9.43 4.75
N ILE A 72 -5.90 -8.76 5.80
CA ILE A 72 -6.09 -9.25 7.17
C ILE A 72 -7.50 -9.01 7.67
N SER A 73 -8.26 -8.11 7.04
CA SER A 73 -9.55 -7.67 7.57
C SER A 73 -10.71 -8.44 6.94
N GLU A 74 -11.53 -9.10 7.77
CA GLU A 74 -12.69 -9.79 7.23
C GLU A 74 -13.65 -8.80 6.59
N LYS A 75 -13.78 -7.61 7.16
N LYS A 75 -13.77 -7.60 7.15
N LYS A 75 -13.77 -7.61 7.16
CA LYS A 75 -14.70 -6.63 6.59
CA LYS A 75 -14.69 -6.62 6.60
CA LYS A 75 -14.68 -6.60 6.62
C LYS A 75 -14.23 -6.16 5.22
C LYS A 75 -14.23 -6.14 5.23
C LYS A 75 -14.22 -6.16 5.24
N MET A 76 -12.93 -5.88 5.08
CA MET A 76 -12.43 -5.42 3.79
C MET A 76 -12.58 -6.51 2.73
N ILE A 77 -12.34 -7.77 3.10
CA ILE A 77 -12.52 -8.86 2.12
C ILE A 77 -14.00 -9.04 1.76
N GLU A 78 -14.92 -8.85 2.72
CA GLU A 78 -16.34 -8.86 2.36
C GLU A 78 -16.65 -7.77 1.33
N LEU A 79 -16.10 -6.57 1.52
CA LEU A 79 -16.30 -5.51 0.53
C LEU A 79 -15.66 -5.86 -0.81
N ALA A 80 -14.45 -6.44 -0.78
CA ALA A 80 -13.78 -6.85 -2.01
C ALA A 80 -14.60 -7.89 -2.76
N ARG A 81 -15.12 -8.87 -2.02
CA ARG A 81 -15.95 -9.91 -2.65
C ARG A 81 -17.23 -9.32 -3.21
N GLU A 82 -17.83 -8.36 -2.50
CA GLU A 82 -19.03 -7.70 -3.01
C GLU A 82 -18.75 -6.97 -4.32
N GLU A 83 -17.59 -6.32 -4.43
CA GLU A 83 -17.27 -5.63 -5.67
C GLU A 83 -17.11 -6.62 -6.82
N SER A 84 -16.48 -7.77 -6.54
CA SER A 84 -16.31 -8.75 -7.61
C SER A 84 -17.65 -9.34 -8.01
N ARG A 85 -18.61 -9.47 -7.08
CA ARG A 85 -19.94 -9.92 -7.47
C ARG A 85 -20.64 -8.91 -8.37
N LYS A 86 -20.47 -7.61 -8.06
CA LYS A 86 -21.11 -6.56 -8.85
C LYS A 86 -20.58 -6.53 -10.26
N TYR A 87 -19.27 -6.66 -10.43
CA TYR A 87 -18.65 -6.53 -11.75
C TYR A 87 -18.51 -7.86 -12.48
N GLY A 88 -18.71 -8.99 -11.81
CA GLY A 88 -18.59 -10.24 -12.53
C GLY A 88 -17.17 -10.60 -12.91
N ASP A 89 -16.19 -10.20 -12.09
CA ASP A 89 -14.79 -10.43 -12.39
C ASP A 89 -14.28 -11.67 -11.63
N PRO A 90 -13.11 -12.20 -12.01
CA PRO A 90 -12.67 -13.50 -11.47
C PRO A 90 -11.77 -13.42 -10.24
N LEU A 91 -11.68 -12.27 -9.58
CA LEU A 91 -10.76 -12.15 -8.44
C LEU A 91 -11.21 -13.07 -7.32
N GLU A 92 -10.22 -13.68 -6.67
CA GLU A 92 -10.46 -14.55 -5.51
C GLU A 92 -9.72 -13.94 -4.35
N PHE A 93 -10.31 -14.02 -3.17
CA PHE A 93 -9.77 -13.33 -1.99
C PHE A 93 -9.58 -14.31 -0.84
N HIS A 94 -8.59 -13.99 0.01
CA HIS A 94 -8.34 -14.75 1.22
C HIS A 94 -8.06 -13.77 2.33
N VAL A 95 -8.51 -14.12 3.53
CA VAL A 95 -8.23 -13.34 4.72
C VAL A 95 -6.98 -13.94 5.35
N ARG A 96 -5.87 -13.19 5.37
CA ARG A 96 -4.68 -13.63 6.09
C ARG A 96 -3.91 -12.42 6.58
N ASP A 97 -3.16 -12.63 7.68
CA ASP A 97 -2.07 -11.72 8.05
C ASP A 97 -0.86 -12.12 7.21
N VAL A 98 -0.44 -11.22 6.31
CA VAL A 98 0.64 -11.56 5.39
C VAL A 98 1.92 -11.93 6.14
N ALA A 99 2.13 -11.35 7.33
CA ALA A 99 3.35 -11.66 8.09
C ALA A 99 3.42 -13.12 8.49
N ASN A 100 2.27 -13.79 8.61
CA ASN A 100 2.23 -15.16 9.09
C ASN A 100 1.76 -16.17 8.07
N MET A 101 1.60 -15.79 6.82
CA MET A 101 0.94 -16.70 5.90
C MET A 101 1.93 -17.61 5.19
N GLU A 102 1.41 -18.69 4.68
CA GLU A 102 2.03 -19.65 3.78
C GLU A 102 1.78 -19.27 2.33
N PRO A 103 2.70 -19.63 1.43
CA PRO A 103 2.49 -19.35 0.00
C PRO A 103 1.17 -19.89 -0.50
N LEU A 104 0.51 -19.08 -1.33
CA LEU A 104 -0.76 -19.37 -1.97
C LEU A 104 -0.59 -19.71 -3.44
N GLY A 105 0.63 -19.72 -3.94
CA GLY A 105 0.89 -19.91 -5.35
C GLY A 105 2.17 -19.19 -5.74
N GLN A 106 2.53 -19.38 -7.02
CA GLN A 106 3.70 -18.75 -7.63
C GLN A 106 3.24 -17.72 -8.66
N PHE A 107 3.59 -16.45 -8.47
CA PHE A 107 3.00 -15.37 -9.25
C PHE A 107 4.07 -14.62 -10.02
N ASP A 108 3.64 -14.03 -11.16
CA ASP A 108 4.53 -13.16 -11.93
C ASP A 108 4.72 -11.79 -11.28
N LEU A 109 3.71 -11.32 -10.56
CA LEU A 109 3.72 -9.99 -9.99
C LEU A 109 3.08 -10.06 -8.62
N VAL A 110 3.73 -9.47 -7.63
CA VAL A 110 3.12 -9.21 -6.33
C VAL A 110 2.98 -7.71 -6.21
N ASN A 111 1.77 -7.25 -5.94
CA ASN A 111 1.52 -5.82 -5.70
C ASN A 111 1.23 -5.68 -4.23
N ALA A 112 1.83 -4.69 -3.58
CA ALA A 112 1.61 -4.50 -2.13
C ALA A 112 1.53 -2.99 -1.88
N ALA A 113 0.32 -2.43 -2.08
CA ALA A 113 0.10 -1.01 -1.86
C ALA A 113 -0.40 -0.85 -0.43
N TRP A 114 0.47 -0.31 0.45
CA TRP A 114 0.18 -0.07 1.87
C TRP A 114 0.05 -1.38 2.65
N LEU A 115 1.04 -2.25 2.45
CA LEU A 115 1.25 -3.44 3.28
C LEU A 115 2.34 -3.25 4.34
N PHE A 116 3.55 -2.92 3.91
CA PHE A 116 4.71 -3.07 4.80
C PHE A 116 4.71 -2.07 5.96
N ASN A 117 4.05 -0.92 5.78
CA ASN A 117 3.94 0.05 6.86
C ASN A 117 2.94 -0.38 7.93
N TYR A 118 2.29 -1.53 7.75
CA TYR A 118 1.52 -2.11 8.84
C TYR A 118 2.26 -3.23 9.58
N ALA A 119 3.48 -3.57 9.18
CA ALA A 119 4.27 -4.47 10.01
C ALA A 119 4.56 -3.80 11.36
N ASP A 120 4.23 -4.47 12.47
CA ASP A 120 4.33 -3.82 13.78
C ASP A 120 5.64 -4.12 14.51
N SER A 121 6.61 -4.72 13.82
CA SER A 121 7.92 -4.99 14.36
C SER A 121 8.84 -5.22 13.19
N VAL A 122 10.15 -5.05 13.42
CA VAL A 122 11.09 -5.33 12.35
C VAL A 122 11.06 -6.82 12.02
N GLU A 123 10.85 -7.68 13.04
CA GLU A 123 10.71 -9.11 12.77
C GLU A 123 9.56 -9.36 11.80
N ASN A 124 8.44 -8.69 12.00
CA ASN A 124 7.33 -8.93 11.08
C ASN A 124 7.56 -8.29 9.72
N LEU A 125 8.26 -7.15 9.68
CA LEU A 125 8.62 -6.58 8.38
C LEU A 125 9.43 -7.59 7.56
N ARG A 126 10.40 -8.23 8.22
CA ARG A 126 11.27 -9.20 7.54
C ARG A 126 10.48 -10.42 7.11
N LYS A 127 9.54 -10.89 7.95
CA LYS A 127 8.68 -12.01 7.58
C LYS A 127 7.84 -11.69 6.35
N MET A 128 7.33 -10.45 6.26
CA MET A 128 6.50 -10.13 5.10
C MET A 128 7.32 -10.21 3.82
N PHE A 129 8.56 -9.72 3.84
CA PHE A 129 9.35 -9.76 2.61
C PHE A 129 9.69 -11.19 2.23
N LYS A 130 9.87 -12.07 3.22
CA LYS A 130 10.16 -13.48 2.92
C LYS A 130 8.93 -14.16 2.30
N VAL A 131 7.75 -13.88 2.83
CA VAL A 131 6.51 -14.39 2.24
C VAL A 131 6.37 -13.94 0.80
N VAL A 132 6.71 -12.67 0.52
CA VAL A 132 6.59 -12.17 -0.85
C VAL A 132 7.57 -12.89 -1.77
N ARG A 133 8.83 -13.03 -1.36
N ARG A 133 8.83 -13.02 -1.34
CA ARG A 133 9.80 -13.73 -2.21
CA ARG A 133 9.82 -13.73 -2.15
C ARG A 133 9.35 -15.16 -2.48
C ARG A 133 9.39 -15.15 -2.46
N ALA A 134 8.75 -15.83 -1.48
CA ALA A 134 8.30 -17.19 -1.66
C ALA A 134 7.07 -17.31 -2.52
N SER A 135 6.45 -16.19 -2.86
CA SER A 135 5.26 -16.12 -3.71
C SER A 135 5.59 -15.77 -5.15
N LEU A 136 6.86 -15.53 -5.48
CA LEU A 136 7.24 -14.99 -6.78
C LEU A 136 7.96 -16.01 -7.65
N LYS A 137 7.60 -16.03 -8.93
CA LYS A 137 8.41 -16.73 -9.93
C LYS A 137 9.79 -16.06 -10.04
N PRO A 138 10.79 -16.80 -10.52
CA PRO A 138 12.15 -16.23 -10.56
C PRO A 138 12.28 -15.01 -11.44
N ASP A 139 11.45 -14.88 -12.48
CA ASP A 139 11.47 -13.71 -13.35
C ASP A 139 10.38 -12.70 -13.00
N GLY A 140 9.79 -12.83 -11.82
CA GLY A 140 8.74 -11.92 -11.36
C GLY A 140 9.28 -10.67 -10.70
N LYS A 141 8.38 -9.88 -10.12
CA LYS A 141 8.81 -8.68 -9.38
C LYS A 141 7.76 -8.30 -8.35
N LEU A 142 8.21 -7.62 -7.32
CA LEU A 142 7.35 -7.01 -6.30
C LEU A 142 7.25 -5.53 -6.59
N VAL A 143 6.02 -5.00 -6.61
CA VAL A 143 5.80 -3.55 -6.66
C VAL A 143 5.09 -3.19 -5.38
N ALA A 144 5.66 -2.25 -4.61
CA ALA A 144 5.12 -1.89 -3.29
C ALA A 144 4.99 -0.38 -3.14
N TYR A 145 4.12 0.02 -2.21
CA TYR A 145 3.94 1.44 -1.90
C TYR A 145 3.89 1.52 -0.39
N THR A 146 4.72 2.38 0.19
CA THR A 146 4.85 2.35 1.64
C THR A 146 5.23 3.73 2.14
N VAL A 147 5.51 3.83 3.43
CA VAL A 147 5.93 5.08 4.05
C VAL A 147 7.39 5.36 3.77
N ASP A 148 7.68 6.58 3.31
CA ASP A 148 9.06 6.97 3.06
C ASP A 148 9.79 7.03 4.41
N PRO A 149 10.90 6.30 4.60
CA PRO A 149 11.63 6.40 5.87
C PRO A 149 11.98 7.83 6.27
N ASP A 150 12.14 8.75 5.33
CA ASP A 150 12.60 10.08 5.67
C ASP A 150 11.47 11.05 6.06
N PHE A 151 10.21 10.62 6.03
CA PHE A 151 9.12 11.46 6.54
C PHE A 151 9.42 11.91 7.96
N SER A 152 9.04 13.14 8.27
CA SER A 152 9.14 13.62 9.63
C SER A 152 7.92 14.47 9.93
N LEU A 153 7.19 14.17 11.02
CA LEU A 153 6.02 14.98 11.28
C LEU A 153 6.41 16.42 11.57
N ALA A 154 7.64 16.65 12.06
CA ALA A 154 8.07 18.01 12.34
C ALA A 154 8.16 18.86 11.09
N LYS A 155 8.22 18.23 9.91
CA LYS A 155 8.37 18.94 8.65
C LYS A 155 7.04 19.16 7.96
N GLY A 156 5.93 18.76 8.56
CA GLY A 156 4.61 19.12 8.08
C GLY A 156 3.66 17.95 8.01
N ASN A 157 2.39 18.21 8.29
CA ASN A 157 1.36 17.19 8.28
C ASN A 157 0.79 16.98 6.87
N PHE A 158 0.07 15.88 6.70
N PHE A 158 0.06 15.89 6.70
CA PHE A 158 -0.47 15.46 5.41
CA PHE A 158 -0.48 15.51 5.39
C PHE A 158 -1.99 15.60 5.32
C PHE A 158 -2.00 15.57 5.33
N ALA A 159 -2.63 16.23 6.32
CA ALA A 159 -4.10 16.24 6.38
C ALA A 159 -4.72 16.81 5.09
N LYS A 160 -4.15 17.90 4.57
CA LYS A 160 -4.70 18.50 3.34
C LYS A 160 -4.66 17.55 2.16
N TYR A 161 -3.83 16.51 2.19
CA TYR A 161 -3.78 15.52 1.12
C TYR A 161 -4.62 14.31 1.40
N GLY A 162 -5.22 14.24 2.60
CA GLY A 162 -6.13 13.17 2.95
C GLY A 162 -5.74 12.36 4.17
N VAL A 163 -4.54 12.52 4.73
CA VAL A 163 -4.08 11.71 5.86
C VAL A 163 -3.61 12.64 6.97
N ASN A 164 -4.40 12.76 8.03
CA ASN A 164 -4.05 13.58 9.19
C ASN A 164 -3.20 12.75 10.15
N VAL A 165 -1.90 13.04 10.22
CA VAL A 165 -0.98 12.30 11.08
C VAL A 165 -1.00 12.96 12.46
N LEU A 166 -1.40 12.22 13.49
CA LEU A 166 -1.63 12.81 14.81
C LEU A 166 -0.34 12.97 15.61
N ASN A 167 0.59 12.03 15.46
CA ASN A 167 1.74 11.99 16.33
C ASN A 167 2.87 11.21 15.67
N GLU A 168 3.97 11.13 16.41
CA GLU A 168 5.18 10.44 15.97
C GLU A 168 5.84 9.99 17.26
N ARG A 169 5.81 8.67 17.53
CA ARG A 169 6.31 8.16 18.79
C ARG A 169 7.29 7.03 18.53
N ALA A 170 8.32 6.91 19.36
CA ALA A 170 9.26 5.82 19.11
C ALA A 170 8.58 4.47 19.31
N TRP A 171 9.00 3.50 18.50
CA TRP A 171 8.43 2.16 18.53
C TRP A 171 9.56 1.21 18.12
N GLY A 172 10.18 0.57 19.10
CA GLY A 172 11.38 -0.19 18.84
C GLY A 172 12.39 0.68 18.11
N PRO A 173 13.01 0.14 17.06
CA PRO A 173 13.95 0.93 16.24
C PRO A 173 13.29 1.80 15.18
N GLY A 174 11.96 1.91 15.15
CA GLY A 174 11.29 2.80 14.23
C GLY A 174 10.35 3.75 14.96
N TYR A 175 9.31 4.19 14.24
CA TYR A 175 8.30 5.09 14.78
C TYR A 175 6.92 4.54 14.50
N ARG A 176 6.00 4.78 15.43
CA ARG A 176 4.60 4.55 15.20
C ARG A 176 3.88 5.87 15.06
N HIS A 177 2.98 5.95 14.08
CA HIS A 177 2.21 7.15 13.79
C HIS A 177 0.74 6.80 13.90
N ASP A 178 0.03 7.45 14.81
CA ASP A 178 -1.42 7.38 14.79
C ASP A 178 -1.95 8.45 13.85
N ALA A 179 -3.01 8.13 13.11
CA ALA A 179 -3.45 8.99 12.01
C ALA A 179 -4.96 8.83 11.81
N GLU A 180 -5.51 9.69 10.98
CA GLU A 180 -6.93 9.60 10.58
C GLU A 180 -7.00 9.82 9.08
N PHE A 181 -7.81 9.02 8.38
CA PHE A 181 -8.18 9.43 7.04
C PHE A 181 -9.21 10.57 7.13
N VAL A 182 -9.10 11.54 6.20
CA VAL A 182 -9.98 12.70 6.19
C VAL A 182 -11.28 12.30 5.54
N THR A 183 -12.16 11.70 6.34
CA THR A 183 -13.48 11.25 5.95
C THR A 183 -14.48 11.86 6.95
N ASP A 184 -15.77 11.72 6.70
N ASP A 184 -15.75 11.57 6.70
CA ASP A 184 -16.74 12.18 7.72
CA ASP A 184 -16.88 12.02 7.50
C ASP A 184 -17.59 10.99 8.14
C ASP A 184 -17.62 10.82 8.10
N PRO A 185 -17.36 10.51 9.38
CA PRO A 185 -16.39 11.10 10.32
C PRO A 185 -14.98 10.55 10.07
N PRO A 186 -13.94 11.16 10.66
CA PRO A 186 -12.58 10.68 10.37
C PRO A 186 -12.41 9.24 10.82
N SER A 187 -11.59 8.52 10.06
CA SER A 187 -11.35 7.10 10.28
C SER A 187 -9.97 6.91 10.89
N GLN A 188 -9.90 6.39 12.11
N GLN A 188 -9.91 6.45 12.13
CA GLN A 188 -8.64 6.30 12.81
CA GLN A 188 -8.63 6.29 12.83
C GLN A 188 -7.86 5.05 12.44
C GLN A 188 -7.86 5.07 12.33
N PHE A 189 -6.54 5.21 12.24
CA PHE A 189 -5.69 4.06 11.97
C PHE A 189 -4.28 4.37 12.45
N SER A 190 -3.42 3.36 12.42
CA SER A 190 -2.03 3.53 12.87
C SER A 190 -1.07 2.81 11.95
N PHE A 191 0.12 3.37 11.76
CA PHE A 191 1.07 2.76 10.87
C PHE A 191 2.48 2.95 11.42
N TYR A 192 3.44 2.29 10.78
CA TYR A 192 4.82 2.24 11.27
C TYR A 192 5.78 2.77 10.22
N ARG A 193 6.80 3.49 10.67
CA ARG A 193 7.83 4.05 9.80
C ARG A 193 9.14 3.39 10.19
N TRP A 194 9.52 2.37 9.42
CA TRP A 194 10.78 1.68 9.58
C TRP A 194 11.86 2.34 8.73
N SER A 195 13.10 2.22 9.20
CA SER A 195 14.21 2.92 8.59
C SER A 195 14.56 2.32 7.23
N ARG A 196 15.21 3.14 6.40
CA ARG A 196 15.64 2.67 5.10
C ARG A 196 16.58 1.48 5.25
N ALA A 197 17.47 1.52 6.26
CA ALA A 197 18.38 0.40 6.52
C ALA A 197 17.63 -0.88 6.88
N ASP A 198 16.61 -0.77 7.73
CA ASP A 198 15.84 -1.97 8.08
C ASP A 198 15.05 -2.50 6.89
N TYR A 199 14.49 -1.62 6.06
CA TYR A 199 13.86 -2.10 4.82
C TYR A 199 14.87 -2.82 3.94
N GLU A 200 16.02 -2.19 3.69
CA GLU A 200 16.95 -2.78 2.75
C GLU A 200 17.54 -4.09 3.28
N SER A 201 17.71 -4.21 4.59
CA SER A 201 18.12 -5.48 5.16
C SER A 201 17.03 -6.54 5.01
N ALA A 202 15.76 -6.16 5.23
CA ALA A 202 14.66 -7.12 5.07
C ALA A 202 14.59 -7.62 3.64
N ILE A 203 14.84 -6.73 2.68
CA ILE A 203 14.78 -7.06 1.26
C ILE A 203 15.91 -8.03 0.89
N ALA A 204 17.12 -7.72 1.34
CA ALA A 204 18.25 -8.59 1.00
C ALA A 204 18.13 -9.94 1.68
N ASP A 205 17.75 -9.96 2.96
CA ASP A 205 17.68 -11.23 3.68
C ASP A 205 16.51 -12.09 3.23
N ALA A 206 15.54 -11.53 2.51
CA ALA A 206 14.49 -12.32 1.91
C ALA A 206 14.90 -12.94 0.58
N GLY A 207 16.04 -12.56 0.01
CA GLY A 207 16.45 -13.09 -1.27
C GLY A 207 16.20 -12.22 -2.50
N PHE A 208 15.92 -10.93 -2.33
CA PHE A 208 15.77 -10.02 -3.45
C PHE A 208 17.12 -9.39 -3.75
N SER A 209 17.67 -9.69 -4.92
CA SER A 209 18.98 -9.16 -5.28
C SER A 209 18.94 -7.77 -5.91
N HIS A 210 17.76 -7.24 -6.21
CA HIS A 210 17.66 -5.91 -6.80
C HIS A 210 16.52 -5.15 -6.15
N PHE A 211 16.73 -3.87 -5.86
CA PHE A 211 15.62 -3.03 -5.40
C PHE A 211 15.84 -1.61 -5.85
N GLU A 212 14.74 -0.87 -5.93
CA GLU A 212 14.80 0.54 -6.30
C GLU A 212 13.68 1.27 -5.59
N TRP A 213 14.00 2.41 -5.00
CA TRP A 213 13.00 3.32 -4.46
C TRP A 213 12.52 4.27 -5.55
N GLN A 214 11.22 4.56 -5.56
CA GLN A 214 10.57 5.37 -6.58
C GLN A 214 9.81 6.52 -5.94
N LYS A 215 10.20 7.74 -6.29
N LYS A 215 10.21 7.75 -6.25
CA LYS A 215 9.51 8.94 -5.82
CA LYS A 215 9.49 8.89 -5.69
C LYS A 215 8.10 9.01 -6.40
C LYS A 215 8.13 9.05 -6.37
N PRO A 216 7.13 9.53 -5.64
CA PRO A 216 5.80 9.73 -6.22
C PRO A 216 5.83 10.69 -7.39
N LEU A 217 5.03 10.37 -8.40
CA LEU A 217 5.01 11.10 -9.68
C LEU A 217 3.96 12.20 -9.63
N LEU A 218 4.38 13.39 -9.24
CA LEU A 218 3.53 14.57 -9.33
C LEU A 218 3.67 15.21 -10.71
N GLU A 219 2.55 15.60 -11.30
CA GLU A 219 2.55 16.11 -12.67
C GLU A 219 2.04 17.54 -12.72
N ALA A 220 2.29 18.20 -13.85
CA ALA A 220 1.92 19.60 -14.01
C ALA A 220 0.44 19.81 -13.80
N ASP A 221 -0.40 18.87 -14.26
CA ASP A 221 -1.83 19.01 -14.08
C ASP A 221 -2.24 18.96 -12.62
N ASP A 222 -1.52 18.19 -11.79
CA ASP A 222 -1.81 18.19 -10.36
C ASP A 222 -1.49 19.55 -9.74
N ILE A 223 -0.36 20.13 -10.15
CA ILE A 223 0.01 21.46 -9.64
C ILE A 223 -1.02 22.50 -10.07
N ALA A 224 -1.52 22.39 -11.30
CA ALA A 224 -2.41 23.44 -11.82
C ALA A 224 -3.75 23.46 -11.08
N THR A 225 -4.20 22.31 -10.58
CA THR A 225 -5.56 22.20 -10.06
C THR A 225 -5.68 22.50 -8.58
N HIS A 226 -4.60 22.92 -7.94
CA HIS A 226 -4.62 23.34 -6.54
C HIS A 226 -3.95 24.70 -6.38
N PRO A 227 -4.20 25.38 -5.26
CA PRO A 227 -3.62 26.71 -5.04
C PRO A 227 -2.11 26.66 -5.04
N PRO A 228 -1.45 27.81 -5.29
CA PRO A 228 0.01 27.81 -5.26
C PRO A 228 0.53 27.37 -3.91
N GLY A 229 1.54 26.50 -3.94
CA GLY A 229 2.13 25.98 -2.75
C GLY A 229 1.43 24.76 -2.19
N PHE A 230 0.30 24.37 -2.76
CA PHE A 230 -0.47 23.28 -2.16
C PHE A 230 0.37 22.03 -1.95
N TRP A 231 1.24 21.70 -2.91
CA TRP A 231 1.95 20.45 -2.87
C TRP A 231 3.34 20.57 -2.23
N ASP A 232 3.68 21.71 -1.61
CA ASP A 232 5.04 21.85 -1.09
C ASP A 232 5.34 20.79 -0.02
N VAL A 233 4.43 20.59 0.94
CA VAL A 233 4.72 19.59 1.98
C VAL A 233 4.80 18.21 1.37
N PHE A 234 3.95 17.92 0.37
CA PHE A 234 3.94 16.60 -0.27
C PHE A 234 5.28 16.32 -0.93
N GLN A 235 5.87 17.32 -1.54
CA GLN A 235 7.10 17.18 -2.31
C GLN A 235 8.35 17.28 -1.45
N ASN A 236 8.29 18.03 -0.35
CA ASN A 236 9.48 18.34 0.44
C ASN A 236 9.56 17.53 1.73
N ASN A 237 8.47 16.90 2.14
CA ASN A 237 8.41 16.02 3.30
C ASN A 237 7.55 14.80 2.95
N CYS A 238 8.01 14.02 1.97
N CYS A 238 7.84 14.12 1.85
CA CYS A 238 7.20 12.94 1.42
CA CYS A 238 6.84 13.18 1.36
C CYS A 238 6.80 11.93 2.48
C CYS A 238 6.74 12.00 2.30
N LEU A 239 5.51 11.61 2.55
CA LEU A 239 5.11 10.53 3.42
C LEU A 239 5.16 9.21 2.70
N GLN A 240 5.12 9.19 1.37
N GLN A 240 5.12 9.20 1.38
CA GLN A 240 4.96 7.97 0.60
CA GLN A 240 4.98 7.98 0.59
C GLN A 240 6.11 7.74 -0.36
C GLN A 240 6.20 7.73 -0.29
N THR A 241 6.41 6.46 -0.62
CA THR A 241 7.40 6.10 -1.63
C THR A 241 6.97 4.81 -2.28
N GLY A 242 7.33 4.65 -3.57
CA GLY A 242 7.23 3.35 -4.20
C GLY A 242 8.52 2.55 -3.99
N LEU A 243 8.43 1.26 -4.23
CA LEU A 243 9.55 0.34 -4.09
C LEU A 243 9.34 -0.81 -5.04
N VAL A 244 10.35 -1.13 -5.85
CA VAL A 244 10.30 -2.29 -6.73
C VAL A 244 11.44 -3.21 -6.33
N CYS A 245 11.14 -4.50 -6.19
CA CYS A 245 12.16 -5.51 -5.88
C CYS A 245 12.09 -6.66 -6.85
N LYS A 246 13.25 -7.17 -7.26
CA LYS A 246 13.30 -8.35 -8.12
C LYS A 246 14.18 -9.42 -7.49
N PRO A 247 13.86 -10.71 -7.68
CA PRO A 247 14.72 -11.78 -7.21
C PRO A 247 16.14 -11.61 -7.75
#